data_6QOJ
#
_entry.id   6QOJ
#
_cell.length_a   74.010
_cell.length_b   80.498
_cell.length_c   84.284
_cell.angle_alpha   90.000
_cell.angle_beta   90.000
_cell.angle_gamma   90.000
#
_symmetry.space_group_name_H-M   'P 21 21 21'
#
loop_
_entity.id
_entity.type
_entity.pdbx_description
1 polymer 'tRNA (guanine-N(1)-)-methyltransferase'
2 non-polymer 3,4-dihydroquinazolin-4-ol
3 water water
#
_entity_poly.entity_id   1
_entity_poly.type   'polypeptide(L)'
_entity_poly.pdbx_seq_one_letter_code
;GSMKIDVVTIFPEYLQPVRQSLPGKAIDAGLVDVAVHDLRRWTHDVHKSVDDSPYGGGPGMVMKPTVWGDALDEICTSET
LLVVPTPAGYPFTQETAWQWSTEDHLVIACGRYEGIDQRVADDAATRMRVREVSIGDYVLNGGEAAALVIIEAVLRLVPG
VLGNALSAQEDSHSEGMASLLEGPSYTRPPSWRGMDVPPVLLSGDHAKIAAWRAEQSRQRTIERRPDLLGFDSPTGEHGG
DGLS
;
_entity_poly.pdbx_strand_id   A,B
#
# COMPACT_ATOMS: atom_id res chain seq x y z
N SER A 2 20.55 4.37 15.79
CA SER A 2 20.01 4.07 14.47
C SER A 2 18.86 3.06 14.54
N MET A 3 17.81 3.27 13.74
CA MET A 3 16.68 2.35 13.70
C MET A 3 17.03 1.13 12.87
N LYS A 4 16.53 -0.02 13.28
CA LYS A 4 16.78 -1.28 12.59
C LYS A 4 15.46 -1.93 12.19
N ILE A 5 15.31 -2.22 10.90
CA ILE A 5 14.09 -2.87 10.42
C ILE A 5 14.42 -4.21 9.76
N ASP A 6 13.88 -5.27 10.34
CA ASP A 6 13.95 -6.62 9.78
C ASP A 6 12.61 -7.02 9.17
N VAL A 7 12.63 -7.40 7.91
CA VAL A 7 11.46 -7.91 7.24
C VAL A 7 11.63 -9.41 7.00
N VAL A 8 10.60 -10.20 7.30
CA VAL A 8 10.67 -11.64 7.10
C VAL A 8 9.61 -12.03 6.08
N THR A 9 9.99 -12.82 5.09
CA THR A 9 9.12 -13.05 3.93
C THR A 9 9.57 -14.27 3.15
N ILE A 10 8.66 -14.86 2.36
CA ILE A 10 9.08 -15.88 1.40
C ILE A 10 9.35 -15.23 0.04
N PHE A 11 9.28 -13.90 -0.01
CA PHE A 11 9.65 -13.17 -1.23
C PHE A 11 10.74 -12.11 -0.98
N PRO A 12 11.94 -12.54 -0.61
CA PRO A 12 12.98 -11.57 -0.25
C PRO A 12 13.42 -10.65 -1.39
N GLU A 13 13.39 -11.13 -2.64
CA GLU A 13 13.84 -10.32 -3.78
C GLU A 13 12.90 -9.13 -4.00
N TYR A 14 11.62 -9.37 -3.73
CA TYR A 14 10.59 -8.35 -3.88
C TYR A 14 10.81 -7.24 -2.87
N LEU A 15 11.28 -7.59 -1.68
CA LEU A 15 11.42 -6.63 -0.58
C LEU A 15 12.83 -6.02 -0.49
N GLN A 16 13.75 -6.49 -1.33
CA GLN A 16 15.12 -5.96 -1.33
C GLN A 16 15.12 -4.45 -1.55
N PRO A 17 15.71 -3.72 -0.61
CA PRO A 17 15.82 -2.25 -0.68
C PRO A 17 16.50 -1.78 -1.96
N VAL A 18 16.06 -0.63 -2.46
CA VAL A 18 16.58 -0.06 -3.69
C VAL A 18 17.10 1.34 -3.36
N ARG A 19 18.35 1.61 -3.76
CA ARG A 19 19.03 2.85 -3.42
C ARG A 19 18.26 4.11 -3.81
N GLN A 20 17.74 4.16 -5.04
CA GLN A 20 16.92 5.29 -5.49
C GLN A 20 15.49 5.11 -5.02
N SER A 21 15.26 5.43 -3.75
CA SER A 21 13.93 5.37 -3.13
C SER A 21 14.06 6.02 -1.77
N LEU A 22 12.93 6.38 -1.15
CA LEU A 22 13.00 7.04 0.14
C LEU A 22 13.72 6.15 1.14
N PRO A 23 13.28 4.88 1.30
CA PRO A 23 14.08 4.01 2.17
C PRO A 23 15.55 3.92 1.76
N GLY A 24 15.83 3.87 0.45
CA GLY A 24 17.20 3.78 -0.02
C GLY A 24 18.03 4.96 0.44
N LYS A 25 17.44 6.15 0.35
CA LYS A 25 18.12 7.35 0.83
C LYS A 25 18.39 7.27 2.33
N ALA A 26 17.39 6.82 3.08
CA ALA A 26 17.50 6.68 4.54
C ALA A 26 18.62 5.72 4.94
N ILE A 27 18.69 4.60 4.23
CA ILE A 27 19.72 3.61 4.50
C ILE A 27 21.08 4.20 4.24
N ASP A 28 21.26 4.76 3.04
CA ASP A 28 22.52 5.35 2.63
C ASP A 28 22.93 6.52 3.52
N ALA A 29 21.96 7.15 4.17
CA ALA A 29 22.26 8.22 5.12
C ALA A 29 22.57 7.66 6.51
N GLY A 30 22.56 6.33 6.63
CA GLY A 30 22.93 5.68 7.88
C GLY A 30 21.89 5.81 8.97
N LEU A 31 20.70 6.28 8.59
CA LEU A 31 19.65 6.52 9.58
C LEU A 31 18.88 5.24 9.88
N VAL A 32 19.02 4.25 9.01
CA VAL A 32 18.30 3.00 9.22
C VAL A 32 19.05 1.83 8.56
N ASP A 33 18.96 0.67 9.21
CA ASP A 33 19.47 -0.58 8.68
C ASP A 33 18.28 -1.47 8.34
N VAL A 34 18.07 -1.76 7.07
CA VAL A 34 16.98 -2.65 6.66
C VAL A 34 17.49 -4.00 6.19
N ALA A 35 17.25 -5.04 6.99
CA ALA A 35 17.66 -6.38 6.63
C ALA A 35 16.44 -7.21 6.27
N VAL A 36 16.55 -7.98 5.18
CA VAL A 36 15.45 -8.80 4.70
C VAL A 36 15.80 -10.29 4.82
N HIS A 37 14.86 -11.07 5.34
CA HIS A 37 15.12 -12.48 5.63
C HIS A 37 14.15 -13.43 4.93
N ASP A 38 14.70 -14.42 4.26
CA ASP A 38 13.93 -15.46 3.63
C ASP A 38 13.39 -16.43 4.70
N LEU A 39 12.09 -16.39 4.95
CA LEU A 39 11.44 -17.29 5.91
C LEU A 39 11.83 -18.78 5.77
N ARG A 40 12.22 -19.19 4.56
CA ARG A 40 12.59 -20.59 4.31
C ARG A 40 13.89 -21.01 4.99
N ARG A 41 14.66 -20.03 5.47
CA ARG A 41 15.87 -20.32 6.22
C ARG A 41 15.56 -21.18 7.45
N TRP A 42 14.37 -21.01 8.01
CA TRP A 42 14.00 -21.69 9.25
C TRP A 42 13.16 -22.94 9.03
N THR A 43 13.06 -23.38 7.78
CA THR A 43 12.50 -24.68 7.49
C THR A 43 13.59 -25.72 7.62
N HIS A 44 13.20 -26.99 7.65
CA HIS A 44 14.15 -28.08 7.80
C HIS A 44 13.87 -29.24 6.84
N ASP A 45 12.63 -29.33 6.37
CA ASP A 45 12.26 -30.37 5.40
C ASP A 45 12.85 -30.05 4.03
N VAL A 46 13.00 -31.09 3.20
CA VAL A 46 13.62 -30.95 1.89
C VAL A 46 12.89 -29.95 0.96
N HIS A 47 11.58 -29.87 1.09
CA HIS A 47 10.78 -29.05 0.16
C HIS A 47 10.56 -27.63 0.67
N LYS A 48 11.11 -27.33 1.84
CA LYS A 48 11.05 -26.00 2.45
C LYS A 48 9.60 -25.53 2.65
N SER A 49 8.75 -26.40 3.19
CA SER A 49 7.32 -26.09 3.32
C SER A 49 7.03 -25.06 4.41
N VAL A 50 6.27 -24.03 4.06
CA VAL A 50 5.94 -23.01 5.04
C VAL A 50 4.45 -22.91 5.37
N ASP A 51 3.57 -23.55 4.58
CA ASP A 51 2.17 -23.54 5.01
C ASP A 51 1.46 -24.89 4.83
N ASP A 52 0.18 -24.92 5.21
CA ASP A 52 -0.55 -26.17 5.32
C ASP A 52 -2.03 -25.87 5.28
N SER A 53 -2.84 -26.93 5.19
CA SER A 53 -4.29 -26.78 5.12
C SER A 53 -4.86 -26.31 6.45
N PRO A 54 -5.93 -25.50 6.40
CA PRO A 54 -6.53 -24.99 7.63
C PRO A 54 -7.34 -26.03 8.37
N TYR A 55 -7.19 -26.03 9.68
CA TYR A 55 -8.05 -26.83 10.51
C TYR A 55 -9.45 -26.26 10.38
N GLY A 56 -10.43 -27.13 10.36
CA GLY A 56 -11.81 -26.68 10.21
C GLY A 56 -12.18 -26.39 8.78
N GLY A 57 -11.22 -26.52 7.87
CA GLY A 57 -11.50 -26.37 6.46
C GLY A 57 -11.57 -24.93 6.04
N GLY A 58 -11.87 -24.73 4.76
CA GLY A 58 -11.86 -23.41 4.16
C GLY A 58 -10.86 -23.37 3.03
N PRO A 59 -10.94 -22.33 2.19
CA PRO A 59 -10.06 -22.19 1.04
C PRO A 59 -8.67 -21.73 1.44
N GLY A 60 -7.67 -22.13 0.68
CA GLY A 60 -6.33 -21.62 0.89
C GLY A 60 -5.59 -22.34 1.99
N MET A 61 -4.47 -21.76 2.37
CA MET A 61 -3.56 -22.39 3.29
C MET A 61 -3.25 -21.42 4.41
N VAL A 62 -2.76 -21.97 5.50
CA VAL A 62 -2.36 -21.18 6.64
C VAL A 62 -0.88 -21.44 6.85
N MET A 63 -0.13 -20.39 7.17
CA MET A 63 1.30 -20.54 7.42
C MET A 63 1.54 -21.31 8.72
N LYS A 64 2.53 -22.20 8.70
CA LYS A 64 2.80 -23.06 9.84
C LYS A 64 3.34 -22.24 10.97
N PRO A 65 2.90 -22.53 12.19
CA PRO A 65 3.44 -21.83 13.36
C PRO A 65 4.90 -22.16 13.62
N THR A 66 5.34 -23.38 13.32
CA THR A 66 6.68 -23.83 13.72
C THR A 66 7.76 -23.00 13.07
N VAL A 67 7.67 -22.85 11.74
CA VAL A 67 8.66 -22.09 10.99
C VAL A 67 8.73 -20.63 11.42
N TRP A 68 7.59 -20.01 11.59
CA TRP A 68 7.55 -18.63 12.05
C TRP A 68 8.13 -18.54 13.46
N GLY A 69 7.91 -19.62 14.21
CA GLY A 69 8.44 -19.74 15.56
C GLY A 69 9.94 -19.58 15.62
N ASP A 70 10.65 -20.42 14.85
CA ASP A 70 12.11 -20.36 14.84
C ASP A 70 12.59 -19.00 14.32
N ALA A 71 11.95 -18.51 13.27
CA ALA A 71 12.31 -17.22 12.66
C ALA A 71 12.32 -16.11 13.69
N LEU A 72 11.18 -15.91 14.35
CA LEU A 72 11.01 -14.77 15.24
C LEU A 72 11.81 -14.95 16.51
N ASP A 73 12.01 -16.22 16.90
CA ASP A 73 12.90 -16.58 18.01
C ASP A 73 14.29 -15.99 17.82
N GLU A 74 14.79 -16.11 16.60
CA GLU A 74 16.14 -15.68 16.26
C GLU A 74 16.22 -14.17 16.02
N ILE A 75 15.18 -13.60 15.45
CA ILE A 75 15.25 -12.21 15.01
C ILE A 75 14.76 -11.21 16.06
N CYS A 76 13.76 -11.59 16.85
CA CYS A 76 13.18 -10.66 17.83
C CYS A 76 13.86 -10.64 19.20
N THR A 77 13.82 -9.49 19.87
CA THR A 77 14.13 -9.39 21.30
C THR A 77 12.88 -8.91 22.03
N SER A 78 12.94 -8.77 23.35
CA SER A 78 11.75 -8.32 24.08
C SER A 78 11.43 -6.83 23.83
N GLU A 79 12.40 -6.09 23.27
CA GLU A 79 12.20 -4.68 22.94
C GLU A 79 11.63 -4.49 21.53
N THR A 80 11.55 -5.59 20.80
CA THR A 80 11.10 -5.55 19.41
C THR A 80 9.62 -5.20 19.29
N LEU A 81 9.30 -4.30 18.37
CA LEU A 81 7.90 -4.10 18.00
C LEU A 81 7.59 -4.95 16.78
N LEU A 82 6.87 -6.04 17.00
CA LEU A 82 6.53 -6.94 15.93
C LEU A 82 5.29 -6.47 15.17
N VAL A 83 5.49 -6.11 13.90
CA VAL A 83 4.41 -5.68 13.02
C VAL A 83 4.00 -6.84 12.13
N VAL A 84 2.70 -7.14 12.14
CA VAL A 84 2.15 -8.23 11.34
C VAL A 84 1.05 -7.70 10.46
N PRO A 85 1.35 -7.38 9.20
CA PRO A 85 0.28 -6.96 8.32
C PRO A 85 -0.77 -8.06 8.15
N THR A 86 -2.03 -7.66 8.12
CA THR A 86 -3.16 -8.57 8.07
C THR A 86 -4.42 -7.80 7.69
N PRO A 87 -5.21 -8.35 6.77
CA PRO A 87 -6.53 -7.75 6.45
C PRO A 87 -7.40 -7.58 7.70
N ALA A 88 -7.14 -8.39 8.72
CA ALA A 88 -7.95 -8.40 9.93
C ALA A 88 -7.36 -7.54 11.04
N GLY A 89 -6.37 -6.72 10.72
CA GLY A 89 -5.71 -5.92 11.75
C GLY A 89 -6.43 -4.65 12.17
N TYR A 90 -5.95 -4.02 13.25
CA TYR A 90 -6.30 -2.65 13.57
C TYR A 90 -5.83 -1.76 12.43
N PRO A 91 -6.49 -0.62 12.18
CA PRO A 91 -6.02 0.22 11.07
C PRO A 91 -4.61 0.78 11.29
N PHE A 92 -3.80 0.77 10.24
CA PHE A 92 -2.54 1.50 10.24
C PHE A 92 -2.85 2.94 9.84
N THR A 93 -2.60 3.89 10.75
CA THR A 93 -2.91 5.30 10.49
C THR A 93 -1.65 6.17 10.51
N GLN A 94 -1.81 7.45 10.15
CA GLN A 94 -0.71 8.40 10.26
C GLN A 94 -0.27 8.53 11.72
N GLU A 95 -1.22 8.40 12.66
CA GLU A 95 -0.87 8.39 14.08
C GLU A 95 0.02 7.18 14.40
N THR A 96 -0.32 6.02 13.86
CA THR A 96 0.53 4.82 13.99
C THR A 96 1.94 5.05 13.45
N ALA A 97 2.03 5.71 12.31
CA ALA A 97 3.31 5.96 11.64
C ALA A 97 4.21 6.83 12.51
N TRP A 98 3.66 7.94 12.96
CA TRP A 98 4.35 8.81 13.87
C TRP A 98 4.88 8.03 15.08
N GLN A 99 4.07 7.11 15.60
CA GLN A 99 4.46 6.42 16.83
C GLN A 99 5.63 5.50 16.56
N TRP A 100 5.56 4.76 15.44
CA TRP A 100 6.57 3.76 15.10
C TRP A 100 7.87 4.42 14.64
N SER A 101 7.79 5.72 14.35
CA SER A 101 8.94 6.43 13.84
C SER A 101 9.96 6.65 14.97
N THR A 102 9.51 6.46 16.20
CA THR A 102 10.40 6.63 17.34
C THR A 102 10.97 5.29 17.80
N GLU A 103 10.49 4.21 17.21
CA GLU A 103 10.90 2.86 17.63
C GLU A 103 12.35 2.52 17.26
N ASP A 104 12.95 1.63 18.04
CA ASP A 104 14.34 1.22 17.85
C ASP A 104 14.44 -0.05 17.00
N HIS A 105 13.43 -0.89 17.09
CA HIS A 105 13.46 -2.14 16.34
C HIS A 105 12.08 -2.56 15.89
N LEU A 106 11.86 -2.47 14.58
CA LEU A 106 10.66 -2.99 13.96
C LEU A 106 11.02 -4.29 13.26
N VAL A 107 10.23 -5.32 13.53
CA VAL A 107 10.30 -6.56 12.79
C VAL A 107 8.96 -6.76 12.11
N ILE A 108 8.99 -6.89 10.79
CA ILE A 108 7.76 -7.01 10.02
C ILE A 108 7.61 -8.43 9.48
N ALA A 109 6.56 -9.11 9.95
CA ALA A 109 6.29 -10.48 9.52
C ALA A 109 5.33 -10.51 8.35
N CYS A 110 5.83 -10.83 7.15
CA CYS A 110 4.99 -10.88 5.96
C CYS A 110 4.38 -12.25 5.71
N GLY A 111 3.05 -12.33 5.70
CA GLY A 111 2.38 -13.60 5.48
C GLY A 111 1.27 -13.52 4.46
N ARG A 112 0.82 -14.67 3.98
CA ARG A 112 -0.28 -14.70 3.02
C ARG A 112 -1.59 -14.20 3.63
N TYR A 113 -2.46 -13.71 2.76
CA TYR A 113 -3.76 -13.17 3.10
C TYR A 113 -4.56 -14.03 4.09
N GLU A 114 -4.56 -15.35 3.86
CA GLU A 114 -5.30 -16.29 4.71
C GLU A 114 -4.78 -16.28 6.13
N GLY A 115 -3.56 -15.79 6.30
CA GLY A 115 -3.02 -15.54 7.61
C GLY A 115 -1.91 -16.48 8.03
N ILE A 116 -1.19 -16.07 9.06
CA ILE A 116 -0.33 -16.96 9.81
C ILE A 116 -1.18 -17.58 10.92
N ASP A 117 -0.89 -18.83 11.28
CA ASP A 117 -1.52 -19.49 12.44
C ASP A 117 -1.56 -18.52 13.63
N GLN A 118 -2.77 -18.30 14.16
CA GLN A 118 -3.00 -17.28 15.19
C GLN A 118 -2.08 -17.42 16.40
N ARG A 119 -1.67 -18.65 16.68
CA ARG A 119 -0.80 -18.94 17.82
C ARG A 119 0.59 -18.31 17.69
N VAL A 120 0.95 -17.90 16.49
CA VAL A 120 2.26 -17.28 16.31
C VAL A 120 2.29 -15.92 17.00
N ALA A 121 1.30 -15.08 16.70
CA ALA A 121 1.19 -13.76 17.33
C ALA A 121 0.88 -13.86 18.82
N ASP A 122 0.03 -14.81 19.21
CA ASP A 122 -0.33 -15.01 20.63
C ASP A 122 0.89 -15.33 21.46
N ASP A 123 1.76 -16.18 20.93
CA ASP A 123 3.00 -16.56 21.57
C ASP A 123 4.02 -15.42 21.63
N ALA A 124 4.10 -14.65 20.55
CA ALA A 124 5.03 -13.52 20.50
C ALA A 124 4.72 -12.46 21.55
N ALA A 125 3.43 -12.25 21.78
CA ALA A 125 2.96 -11.24 22.71
C ALA A 125 3.38 -11.53 24.15
N THR A 126 3.80 -12.76 24.44
CA THR A 126 4.28 -13.10 25.79
C THR A 126 5.68 -12.54 26.02
N ARG A 127 6.37 -12.14 24.96
CA ARG A 127 7.75 -11.71 25.07
C ARG A 127 7.97 -10.30 24.54
N MET A 128 7.11 -9.86 23.64
CA MET A 128 7.31 -8.56 23.02
C MET A 128 5.98 -7.90 22.70
N ARG A 129 6.03 -6.66 22.22
CA ARG A 129 4.84 -5.96 21.74
C ARG A 129 4.51 -6.37 20.30
N VAL A 130 3.26 -6.75 20.08
CA VAL A 130 2.81 -7.20 18.77
C VAL A 130 1.70 -6.28 18.26
N ARG A 131 1.79 -5.87 16.99
CA ARG A 131 0.76 -5.05 16.38
C ARG A 131 0.30 -5.65 15.06
N GLU A 132 -0.92 -6.18 15.05
CA GLU A 132 -1.53 -6.65 13.82
C GLU A 132 -2.30 -5.49 13.20
N VAL A 133 -1.92 -5.13 11.97
CA VAL A 133 -2.47 -3.94 11.33
C VAL A 133 -2.83 -4.14 9.87
N SER A 134 -3.83 -3.39 9.41
CA SER A 134 -4.19 -3.36 7.99
C SER A 134 -3.95 -1.98 7.39
N ILE A 135 -3.45 -1.95 6.16
CA ILE A 135 -3.21 -0.70 5.49
C ILE A 135 -4.40 -0.30 4.61
N GLY A 136 -5.41 -1.16 4.57
CA GLY A 136 -6.57 -0.90 3.73
C GLY A 136 -7.41 -2.14 3.54
N ASP A 137 -8.66 -1.94 3.11
CA ASP A 137 -9.61 -3.02 3.00
C ASP A 137 -9.72 -3.61 1.59
N TYR A 138 -8.87 -3.15 0.68
CA TYR A 138 -8.65 -3.89 -0.56
C TYR A 138 -7.88 -5.14 -0.18
N VAL A 139 -7.78 -6.09 -1.09
CA VAL A 139 -7.19 -7.36 -0.73
C VAL A 139 -5.90 -7.59 -1.46
N LEU A 140 -4.82 -7.73 -0.70
CA LEU A 140 -3.52 -8.10 -1.24
C LEU A 140 -3.32 -9.58 -0.99
N ASN A 141 -2.50 -10.22 -1.83
CA ASN A 141 -2.26 -11.65 -1.69
C ASN A 141 -1.33 -12.01 -0.54
N GLY A 142 -0.45 -11.08 -0.17
CA GLY A 142 0.42 -11.29 0.96
C GLY A 142 0.75 -9.96 1.62
N GLY A 143 1.46 -10.01 2.73
CA GLY A 143 1.80 -8.81 3.49
C GLY A 143 2.94 -7.99 2.91
N GLU A 144 3.54 -8.46 1.82
CA GLU A 144 4.75 -7.82 1.28
C GLU A 144 4.54 -6.36 0.90
N ALA A 145 3.54 -6.11 0.05
CA ALA A 145 3.29 -4.75 -0.41
C ALA A 145 2.88 -3.84 0.76
N ALA A 146 2.21 -4.40 1.76
CA ALA A 146 1.82 -3.64 2.93
C ALA A 146 3.07 -3.27 3.76
N ALA A 147 4.05 -4.16 3.78
CA ALA A 147 5.29 -3.89 4.47
C ALA A 147 6.04 -2.72 3.79
N LEU A 148 6.03 -2.68 2.46
CA LEU A 148 6.67 -1.57 1.73
C LEU A 148 5.96 -0.26 2.04
N VAL A 149 4.63 -0.29 2.13
CA VAL A 149 3.86 0.89 2.46
C VAL A 149 4.19 1.40 3.88
N ILE A 150 4.16 0.48 4.83
CA ILE A 150 4.48 0.81 6.21
C ILE A 150 5.88 1.40 6.35
N ILE A 151 6.85 0.83 5.64
CA ILE A 151 8.21 1.30 5.77
C ILE A 151 8.31 2.74 5.24
N GLU A 152 7.72 2.99 4.09
CA GLU A 152 7.77 4.32 3.52
C GLU A 152 7.04 5.35 4.40
N ALA A 153 5.94 4.96 5.03
CA ALA A 153 5.19 5.90 5.87
C ALA A 153 5.97 6.27 7.14
N VAL A 154 6.63 5.27 7.72
CA VAL A 154 7.40 5.43 8.94
C VAL A 154 8.75 6.09 8.72
N LEU A 155 9.47 5.70 7.67
CA LEU A 155 10.81 6.24 7.48
C LEU A 155 10.80 7.74 7.18
N ARG A 156 9.77 8.21 6.49
CA ARG A 156 9.75 9.60 6.09
C ARG A 156 9.54 10.51 7.31
N LEU A 157 9.17 9.93 8.44
CA LEU A 157 8.97 10.65 9.68
C LEU A 157 10.20 10.62 10.59
N VAL A 158 11.14 9.72 10.33
CA VAL A 158 12.32 9.61 11.19
C VAL A 158 13.16 10.87 11.13
N PRO A 159 13.55 11.42 12.31
CA PRO A 159 14.36 12.63 12.34
C PRO A 159 15.60 12.49 11.44
N GLY A 160 15.81 13.47 10.56
CA GLY A 160 16.94 13.44 9.65
C GLY A 160 16.61 13.08 8.22
N VAL A 161 15.58 12.25 8.04
CA VAL A 161 15.22 11.73 6.72
C VAL A 161 14.74 12.82 5.75
N LEU A 162 13.97 13.78 6.26
CA LEU A 162 13.45 14.87 5.45
C LEU A 162 14.53 15.89 5.12
N SER A 179 -7.41 14.85 8.47
CA SER A 179 -7.83 16.20 8.81
C SER A 179 -8.77 16.74 7.72
N LEU A 180 -8.21 16.98 6.53
CA LEU A 180 -8.92 17.55 5.39
C LEU A 180 -8.12 17.27 4.11
N LEU A 181 -8.78 17.15 2.96
CA LEU A 181 -8.04 16.81 1.72
C LEU A 181 -7.39 18.03 1.08
N GLU A 182 -6.25 17.81 0.44
CA GLU A 182 -5.58 18.87 -0.33
C GLU A 182 -6.32 19.17 -1.62
N GLY A 183 -6.52 20.45 -1.90
CA GLY A 183 -7.20 20.88 -3.08
C GLY A 183 -6.21 20.88 -4.24
N PRO A 184 -6.64 21.35 -5.41
CA PRO A 184 -5.74 21.28 -6.55
C PRO A 184 -4.49 22.15 -6.40
N SER A 185 -3.41 21.76 -7.08
CA SER A 185 -2.19 22.53 -7.07
C SER A 185 -1.74 22.77 -8.51
N TYR A 186 -0.97 23.84 -8.72
CA TYR A 186 -0.56 24.31 -10.04
C TYR A 186 0.88 24.81 -10.01
N THR A 187 1.58 24.67 -11.14
CA THR A 187 2.88 25.32 -11.33
C THR A 187 3.02 25.82 -12.78
N ARG A 188 4.20 26.33 -13.15
CA ARG A 188 4.35 27.00 -14.43
C ARG A 188 4.22 26.05 -15.60
N PRO A 189 3.74 26.53 -16.76
CA PRO A 189 3.34 27.90 -17.08
C PRO A 189 1.91 28.24 -16.62
N PRO A 190 1.55 29.53 -16.59
CA PRO A 190 0.24 29.90 -16.04
C PRO A 190 -0.91 29.61 -17.00
N SER A 191 -0.59 29.40 -18.29
CA SER A 191 -1.57 28.90 -19.24
C SER A 191 -1.00 27.66 -19.93
N TRP A 192 -1.77 26.57 -19.98
CA TRP A 192 -1.28 25.35 -20.62
C TRP A 192 -2.39 24.63 -21.35
N ARG A 193 -2.19 24.36 -22.64
CA ARG A 193 -3.21 23.79 -23.52
C ARG A 193 -4.57 24.48 -23.35
N GLY A 194 -4.54 25.81 -23.27
CA GLY A 194 -5.76 26.58 -23.14
C GLY A 194 -6.35 26.59 -21.74
N MET A 195 -5.65 25.97 -20.80
CA MET A 195 -6.13 25.92 -19.42
C MET A 195 -5.32 26.85 -18.52
N ASP A 196 -6.01 27.73 -17.81
CA ASP A 196 -5.36 28.73 -16.98
C ASP A 196 -5.36 28.39 -15.49
N VAL A 197 -4.25 28.72 -14.83
CA VAL A 197 -4.19 28.66 -13.38
C VAL A 197 -5.17 29.67 -12.78
N PRO A 198 -5.92 29.26 -11.73
CA PRO A 198 -6.79 30.19 -11.01
C PRO A 198 -6.07 31.48 -10.64
N PRO A 199 -6.56 32.61 -11.13
CA PRO A 199 -5.89 33.91 -11.00
C PRO A 199 -5.54 34.30 -9.57
N VAL A 200 -6.31 33.84 -8.59
CA VAL A 200 -6.02 34.20 -7.21
C VAL A 200 -4.63 33.67 -6.84
N LEU A 201 -4.24 32.53 -7.40
CA LEU A 201 -2.94 31.96 -7.09
C LEU A 201 -1.82 32.77 -7.74
N LEU A 202 -2.18 33.62 -8.68
CA LEU A 202 -1.24 34.53 -9.34
C LEU A 202 -1.21 35.90 -8.69
N SER A 203 -2.27 36.23 -7.93
CA SER A 203 -2.44 37.58 -7.41
C SER A 203 -1.47 37.92 -6.28
N GLY A 204 -0.81 36.89 -5.74
CA GLY A 204 0.12 37.08 -4.64
C GLY A 204 -0.50 37.50 -3.30
N ASP A 205 -1.83 37.46 -3.19
CA ASP A 205 -2.50 37.85 -1.94
C ASP A 205 -2.60 36.66 -0.99
N HIS A 206 -1.69 36.61 -0.02
CA HIS A 206 -1.61 35.48 0.91
C HIS A 206 -2.93 35.18 1.61
N ALA A 207 -3.76 36.20 1.80
CA ALA A 207 -5.06 36.03 2.44
C ALA A 207 -6.11 35.44 1.50
N LYS A 208 -6.33 36.09 0.36
CA LYS A 208 -7.29 35.60 -0.63
C LYS A 208 -6.96 34.16 -1.07
N ILE A 209 -5.67 33.89 -1.27
CA ILE A 209 -5.18 32.57 -1.61
C ILE A 209 -5.54 31.52 -0.55
N ALA A 210 -5.35 31.84 0.72
CA ALA A 210 -5.75 30.91 1.78
C ALA A 210 -7.24 30.66 1.76
N ALA A 211 -8.02 31.71 1.58
CA ALA A 211 -9.48 31.59 1.51
C ALA A 211 -9.90 30.65 0.38
N TRP A 212 -9.24 30.79 -0.77
CA TRP A 212 -9.55 29.95 -1.93
C TRP A 212 -9.16 28.50 -1.71
N ARG A 213 -7.98 28.28 -1.14
CA ARG A 213 -7.48 26.92 -0.93
C ARG A 213 -8.31 26.18 0.09
N ALA A 214 -8.72 26.90 1.13
CA ALA A 214 -9.59 26.32 2.14
C ALA A 214 -10.89 25.92 1.47
N GLU A 215 -11.48 26.83 0.70
CA GLU A 215 -12.72 26.54 -0.02
C GLU A 215 -12.61 25.34 -0.96
N GLN A 216 -11.51 25.26 -1.72
CA GLN A 216 -11.28 24.11 -2.59
C GLN A 216 -11.17 22.81 -1.83
N SER A 217 -10.40 22.83 -0.74
CA SER A 217 -10.25 21.65 0.10
C SER A 217 -11.59 21.15 0.63
N ARG A 218 -12.44 22.06 1.10
CA ARG A 218 -13.79 21.75 1.54
C ARG A 218 -14.63 21.03 0.47
N GLN A 219 -14.64 21.61 -0.72
CA GLN A 219 -15.44 21.07 -1.80
C GLN A 219 -14.97 19.66 -2.11
N ARG A 220 -13.65 19.51 -2.21
CA ARG A 220 -13.04 18.22 -2.52
C ARG A 220 -13.31 17.18 -1.41
N THR A 221 -13.10 17.58 -0.17
CA THR A 221 -13.26 16.65 0.94
C THR A 221 -14.70 16.16 1.04
N ILE A 222 -15.66 17.08 0.92
CA ILE A 222 -17.06 16.69 1.09
C ILE A 222 -17.45 15.77 -0.08
N GLU A 223 -16.87 16.01 -1.25
CA GLU A 223 -17.11 15.15 -2.40
C GLU A 223 -16.45 13.77 -2.30
N ARG A 224 -15.16 13.75 -2.00
CA ARG A 224 -14.40 12.52 -2.09
C ARG A 224 -14.29 11.76 -0.78
N ARG A 225 -14.29 12.49 0.33
CA ARG A 225 -14.10 11.87 1.64
C ARG A 225 -15.00 12.46 2.71
N PRO A 226 -16.33 12.37 2.53
CA PRO A 226 -17.24 12.99 3.49
C PRO A 226 -17.00 12.48 4.92
N ASP A 227 -16.49 11.25 4.99
CA ASP A 227 -16.18 10.63 6.26
C ASP A 227 -15.24 11.51 7.09
N LEU A 228 -14.34 12.23 6.45
CA LEU A 228 -13.36 13.03 7.20
C LEU A 228 -14.01 14.18 7.99
N LEU A 229 -15.18 14.62 7.56
CA LEU A 229 -15.85 15.73 8.20
C LEU A 229 -17.04 15.28 9.01
N GLY A 230 -17.12 13.98 9.27
CA GLY A 230 -18.14 13.45 10.18
C GLY A 230 -19.46 13.17 9.49
N PHE A 231 -19.42 12.89 8.18
CA PHE A 231 -20.65 12.56 7.44
C PHE A 231 -20.62 11.13 6.88
N ASP A 232 -21.80 10.65 6.47
CA ASP A 232 -21.97 9.28 5.97
C ASP A 232 -21.29 9.03 4.62
N SER A 233 -21.23 7.75 4.24
CA SER A 233 -20.59 7.26 3.01
C SER A 233 -19.12 7.62 2.97
N SER B 2 -5.17 -10.31 -21.96
CA SER B 2 -3.78 -9.85 -21.92
C SER B 2 -3.64 -8.39 -21.49
N MET B 3 -3.91 -8.12 -20.22
CA MET B 3 -3.90 -6.77 -19.67
C MET B 3 -2.55 -6.11 -19.88
N LYS B 4 -2.56 -4.82 -20.15
CA LYS B 4 -1.33 -4.04 -20.18
C LYS B 4 -1.36 -3.00 -19.07
N ILE B 5 -0.28 -2.92 -18.31
CA ILE B 5 -0.15 -1.90 -17.28
C ILE B 5 1.10 -1.08 -17.56
N ASP B 6 0.92 0.22 -17.75
CA ASP B 6 2.05 1.12 -17.91
C ASP B 6 2.20 1.93 -16.63
N VAL B 7 3.39 1.91 -16.03
CA VAL B 7 3.64 2.71 -14.83
C VAL B 7 4.65 3.80 -15.18
N VAL B 8 4.38 5.05 -14.77
CA VAL B 8 5.28 6.17 -15.06
C VAL B 8 5.75 6.74 -13.75
N THR B 9 7.06 6.85 -13.56
CA THR B 9 7.60 7.19 -12.25
C THR B 9 8.98 7.79 -12.39
N ILE B 10 9.44 8.53 -11.39
CA ILE B 10 10.84 8.94 -11.37
C ILE B 10 11.69 7.95 -10.60
N PHE B 11 11.05 6.88 -10.12
CA PHE B 11 11.76 5.79 -9.46
C PHE B 11 11.52 4.47 -10.19
N PRO B 12 12.08 4.34 -11.40
CA PRO B 12 11.74 3.16 -12.18
C PRO B 12 12.39 1.89 -11.66
N GLU B 13 13.56 1.98 -11.03
CA GLU B 13 14.17 0.80 -10.41
C GLU B 13 13.31 0.28 -9.25
N TYR B 14 12.80 1.20 -8.44
CA TYR B 14 11.96 0.84 -7.31
C TYR B 14 10.72 0.06 -7.76
N LEU B 15 10.22 0.39 -8.94
CA LEU B 15 8.97 -0.18 -9.47
C LEU B 15 9.19 -1.36 -10.41
N GLN B 16 10.44 -1.65 -10.73
CA GLN B 16 10.75 -2.73 -11.66
C GLN B 16 10.20 -4.06 -11.16
N PRO B 17 9.44 -4.76 -12.02
CA PRO B 17 8.80 -6.01 -11.58
C PRO B 17 9.85 -7.05 -11.17
N VAL B 18 9.52 -7.86 -10.18
CA VAL B 18 10.41 -8.88 -9.67
C VAL B 18 9.80 -10.25 -9.95
N ARG B 19 10.60 -11.15 -10.51
CA ARG B 19 10.11 -12.46 -10.91
C ARG B 19 9.50 -13.23 -9.74
N GLN B 20 10.16 -13.19 -8.60
CA GLN B 20 9.63 -13.85 -7.40
C GLN B 20 8.69 -12.93 -6.64
N SER B 21 7.48 -12.79 -7.19
CA SER B 21 6.40 -12.02 -6.60
C SER B 21 5.12 -12.44 -7.31
N LEU B 22 3.97 -12.03 -6.79
CA LEU B 22 2.73 -12.30 -7.51
C LEU B 22 2.70 -11.57 -8.87
N PRO B 23 3.07 -10.27 -8.91
CA PRO B 23 3.12 -9.64 -10.25
C PRO B 23 4.13 -10.30 -11.18
N GLY B 24 5.23 -10.82 -10.62
CA GLY B 24 6.21 -11.55 -11.40
C GLY B 24 5.65 -12.84 -11.98
N LYS B 25 4.83 -13.54 -11.19
CA LYS B 25 4.20 -14.78 -11.65
C LYS B 25 3.22 -14.48 -12.78
N ALA B 26 2.41 -13.45 -12.59
CA ALA B 26 1.43 -13.03 -13.59
C ALA B 26 2.09 -12.68 -14.92
N ILE B 27 3.18 -11.92 -14.86
CA ILE B 27 3.95 -11.59 -16.06
C ILE B 27 4.57 -12.82 -16.71
N ASP B 28 5.14 -13.70 -15.90
CA ASP B 28 5.81 -14.90 -16.41
C ASP B 28 4.79 -15.87 -17.01
N ALA B 29 3.55 -15.76 -16.54
CA ALA B 29 2.47 -16.60 -17.04
C ALA B 29 1.79 -15.98 -18.25
N GLY B 30 2.30 -14.82 -18.69
CA GLY B 30 1.79 -14.13 -19.85
C GLY B 30 0.39 -13.58 -19.64
N LEU B 31 -0.01 -13.42 -18.39
CA LEU B 31 -1.37 -12.97 -18.08
C LEU B 31 -1.46 -11.44 -18.08
N VAL B 32 -0.33 -10.78 -17.94
CA VAL B 32 -0.29 -9.33 -17.99
C VAL B 32 1.06 -8.88 -18.54
N ASP B 33 1.06 -7.73 -19.19
CA ASP B 33 2.30 -7.07 -19.53
C ASP B 33 2.43 -5.80 -18.71
N VAL B 34 3.56 -5.67 -18.03
CA VAL B 34 3.82 -4.52 -17.19
C VAL B 34 5.03 -3.77 -17.69
N ALA B 35 4.83 -2.51 -18.07
CA ALA B 35 5.92 -1.68 -18.52
C ALA B 35 6.10 -0.50 -17.57
N VAL B 36 7.32 -0.32 -17.08
CA VAL B 36 7.67 0.81 -16.23
C VAL B 36 8.46 1.84 -17.04
N HIS B 37 8.04 3.10 -16.99
CA HIS B 37 8.70 4.17 -17.72
C HIS B 37 9.24 5.22 -16.78
N ASP B 38 10.49 5.60 -16.97
CA ASP B 38 11.08 6.71 -16.25
C ASP B 38 10.49 7.99 -16.80
N LEU B 39 9.88 8.77 -15.91
CA LEU B 39 9.25 10.03 -16.24
C LEU B 39 10.24 11.02 -16.86
N ARG B 40 11.50 10.91 -16.46
CA ARG B 40 12.52 11.81 -16.98
C ARG B 40 12.74 11.69 -18.50
N ARG B 41 12.22 10.63 -19.11
CA ARG B 41 12.26 10.50 -20.57
C ARG B 41 11.55 11.67 -21.25
N TRP B 42 10.57 12.28 -20.56
CA TRP B 42 9.77 13.34 -21.15
C TRP B 42 10.11 14.75 -20.66
N THR B 43 11.27 14.92 -20.04
CA THR B 43 11.69 16.24 -19.57
C THR B 43 12.37 17.06 -20.67
N HIS B 44 12.40 18.38 -20.49
CA HIS B 44 12.76 19.28 -21.57
C HIS B 44 14.16 19.84 -21.43
N ASP B 45 14.72 19.79 -20.23
CA ASP B 45 15.98 20.48 -19.94
C ASP B 45 17.07 19.53 -19.49
N VAL B 46 18.31 20.00 -19.53
CA VAL B 46 19.46 19.21 -19.12
C VAL B 46 19.29 18.70 -17.70
N HIS B 47 18.61 19.47 -16.85
CA HIS B 47 18.45 19.10 -15.44
C HIS B 47 17.31 18.10 -15.23
N LYS B 48 16.63 17.74 -16.31
CA LYS B 48 15.54 16.77 -16.27
C LYS B 48 14.53 17.11 -15.17
N SER B 49 14.09 18.36 -15.18
CA SER B 49 13.14 18.88 -14.21
C SER B 49 11.77 18.26 -14.34
N VAL B 50 11.28 17.66 -13.26
CA VAL B 50 9.93 17.10 -13.24
C VAL B 50 9.00 17.86 -12.31
N ASP B 51 9.53 18.75 -11.48
CA ASP B 51 8.65 19.56 -10.68
C ASP B 51 9.11 21.01 -10.62
N ASP B 52 8.33 21.81 -9.93
CA ASP B 52 8.50 23.25 -9.94
C ASP B 52 7.72 23.77 -8.74
N SER B 53 8.01 25.00 -8.30
CA SER B 53 7.40 25.49 -7.07
C SER B 53 5.93 25.85 -7.26
N PRO B 54 5.12 25.66 -6.22
CA PRO B 54 3.68 25.80 -6.40
C PRO B 54 3.26 27.25 -6.55
N TYR B 55 2.30 27.52 -7.43
CA TYR B 55 1.70 28.85 -7.53
C TYR B 55 0.95 29.10 -6.26
N GLY B 56 0.92 30.35 -5.81
CA GLY B 56 0.32 30.70 -4.54
C GLY B 56 1.28 30.44 -3.41
N GLY B 57 2.46 29.95 -3.77
CA GLY B 57 3.51 29.67 -2.80
C GLY B 57 3.16 28.53 -1.89
N GLY B 58 3.93 28.40 -0.81
CA GLY B 58 3.77 27.29 0.10
C GLY B 58 4.86 26.28 -0.14
N PRO B 59 4.95 25.29 0.76
CA PRO B 59 6.02 24.30 0.79
C PRO B 59 5.85 23.23 -0.28
N GLY B 60 6.93 22.51 -0.56
CA GLY B 60 6.87 21.39 -1.49
C GLY B 60 6.96 21.84 -2.93
N MET B 61 6.90 20.86 -3.83
CA MET B 61 6.94 21.11 -5.25
C MET B 61 5.73 20.44 -5.87
N VAL B 62 5.35 20.91 -7.04
CA VAL B 62 4.23 20.39 -7.82
C VAL B 62 4.80 19.84 -9.12
N MET B 63 4.32 18.70 -9.60
CA MET B 63 4.90 18.12 -10.82
C MET B 63 4.43 18.91 -12.05
N LYS B 64 5.37 19.15 -12.99
CA LYS B 64 5.13 20.01 -14.15
C LYS B 64 4.11 19.42 -15.12
N PRO B 65 3.17 20.25 -15.57
CA PRO B 65 2.17 19.75 -16.53
C PRO B 65 2.75 19.49 -17.95
N THR B 66 3.77 20.24 -18.37
CA THR B 66 4.31 20.06 -19.72
C THR B 66 4.97 18.69 -19.83
N VAL B 67 5.64 18.27 -18.77
CA VAL B 67 6.29 16.97 -18.75
C VAL B 67 5.30 15.80 -18.71
N TRP B 68 4.35 15.85 -17.78
CA TRP B 68 3.35 14.79 -17.69
C TRP B 68 2.45 14.73 -18.92
N GLY B 69 2.11 15.90 -19.44
CA GLY B 69 1.27 16.01 -20.62
C GLY B 69 1.88 15.23 -21.77
N ASP B 70 3.19 15.37 -21.97
CA ASP B 70 3.88 14.65 -23.04
C ASP B 70 3.93 13.15 -22.77
N ALA B 71 4.18 12.75 -21.52
CA ALA B 71 4.25 11.33 -21.20
C ALA B 71 2.92 10.65 -21.52
N LEU B 72 1.83 11.22 -20.98
CA LEU B 72 0.49 10.67 -21.16
C LEU B 72 0.01 10.71 -22.60
N ASP B 73 0.37 11.76 -23.33
CA ASP B 73 0.10 11.81 -24.76
C ASP B 73 0.65 10.59 -25.46
N GLU B 74 1.88 10.24 -25.12
CA GLU B 74 2.55 9.14 -25.78
C GLU B 74 1.98 7.79 -25.36
N ILE B 75 1.61 7.66 -24.09
CA ILE B 75 1.34 6.34 -23.53
C ILE B 75 -0.14 5.95 -23.55
N CYS B 76 -1.02 6.91 -23.25
CA CYS B 76 -2.46 6.68 -23.22
C CYS B 76 -3.15 6.69 -24.58
N THR B 77 -4.25 5.94 -24.67
CA THR B 77 -5.18 6.01 -25.78
C THR B 77 -6.57 6.33 -25.23
N SER B 78 -7.55 6.51 -26.11
CA SER B 78 -8.90 6.80 -25.63
C SER B 78 -9.48 5.65 -24.79
N GLU B 79 -8.92 4.45 -24.92
CA GLU B 79 -9.42 3.29 -24.17
C GLU B 79 -8.73 3.15 -22.81
N THR B 80 -7.69 3.95 -22.58
CA THR B 80 -6.92 3.90 -21.34
C THR B 80 -7.75 4.27 -20.11
N LEU B 81 -7.51 3.58 -18.99
CA LEU B 81 -7.98 4.06 -17.71
C LEU B 81 -6.78 4.58 -16.95
N LEU B 82 -6.77 5.89 -16.72
CA LEU B 82 -5.61 6.56 -16.11
C LEU B 82 -5.80 6.61 -14.62
N VAL B 83 -4.88 5.95 -13.92
CA VAL B 83 -4.93 5.86 -12.46
C VAL B 83 -3.94 6.84 -11.90
N VAL B 84 -4.40 7.73 -11.03
CA VAL B 84 -3.53 8.69 -10.40
C VAL B 84 -3.63 8.53 -8.90
N PRO B 85 -2.66 7.84 -8.29
CA PRO B 85 -2.73 7.74 -6.83
C PRO B 85 -2.46 9.09 -6.21
N THR B 86 -3.27 9.49 -5.24
CA THR B 86 -3.06 10.74 -4.56
C THR B 86 -3.76 10.65 -3.21
N PRO B 87 -3.15 11.22 -2.18
CA PRO B 87 -3.81 11.26 -0.87
C PRO B 87 -5.14 12.01 -0.95
N ALA B 88 -5.38 12.77 -2.03
CA ALA B 88 -6.63 13.51 -2.12
C ALA B 88 -7.69 12.76 -2.92
N GLY B 89 -7.41 11.48 -3.22
CA GLY B 89 -8.26 10.71 -4.10
C GLY B 89 -9.48 10.11 -3.45
N TYR B 90 -10.35 9.50 -4.26
CA TYR B 90 -11.44 8.72 -3.71
C TYR B 90 -10.79 7.49 -3.11
N PRO B 91 -11.43 6.91 -2.09
CA PRO B 91 -10.79 5.68 -1.58
C PRO B 91 -10.68 4.61 -2.65
N PHE B 92 -9.51 3.98 -2.72
CA PHE B 92 -9.33 2.78 -3.51
C PHE B 92 -9.93 1.64 -2.69
N THR B 93 -10.95 0.96 -3.22
CA THR B 93 -11.61 -0.14 -2.52
C THR B 93 -11.54 -1.47 -3.28
N GLN B 94 -12.05 -2.54 -2.68
CA GLN B 94 -12.04 -3.83 -3.36
C GLN B 94 -12.98 -3.81 -4.56
N GLU B 95 -14.10 -3.10 -4.47
CA GLU B 95 -14.96 -3.00 -5.64
C GLU B 95 -14.23 -2.31 -6.80
N THR B 96 -13.42 -1.31 -6.48
CA THR B 96 -12.58 -0.68 -7.51
C THR B 96 -11.61 -1.65 -8.15
N ALA B 97 -10.93 -2.44 -7.33
CA ALA B 97 -9.99 -3.46 -7.82
C ALA B 97 -10.68 -4.46 -8.73
N TRP B 98 -11.90 -4.86 -8.39
CA TRP B 98 -12.61 -5.80 -9.24
C TRP B 98 -12.88 -5.16 -10.59
N GLN B 99 -13.39 -3.93 -10.55
CA GLN B 99 -13.69 -3.19 -11.78
C GLN B 99 -12.47 -3.07 -12.68
N TRP B 100 -11.35 -2.69 -12.10
CA TRP B 100 -10.14 -2.46 -12.87
C TRP B 100 -9.56 -3.79 -13.33
N SER B 101 -10.01 -4.89 -12.74
CA SER B 101 -9.39 -6.18 -13.03
C SER B 101 -9.73 -6.67 -14.43
N THR B 102 -10.68 -6.00 -15.08
CA THR B 102 -11.08 -6.36 -16.44
C THR B 102 -10.79 -5.26 -17.48
N GLU B 103 -9.96 -4.29 -17.11
CA GLU B 103 -9.56 -3.24 -18.04
C GLU B 103 -8.50 -3.75 -18.98
N ASP B 104 -8.50 -3.27 -20.22
CA ASP B 104 -7.48 -3.67 -21.19
C ASP B 104 -6.17 -2.93 -20.97
N HIS B 105 -6.25 -1.69 -20.49
CA HIS B 105 -5.08 -0.81 -20.36
C HIS B 105 -5.22 0.09 -19.14
N LEU B 106 -4.41 -0.17 -18.12
CA LEU B 106 -4.25 0.74 -17.00
C LEU B 106 -2.95 1.50 -17.18
N VAL B 107 -3.01 2.81 -16.94
CA VAL B 107 -1.80 3.61 -16.85
C VAL B 107 -1.79 4.23 -15.48
N ILE B 108 -0.74 3.96 -14.72
CA ILE B 108 -0.66 4.46 -13.37
C ILE B 108 0.38 5.58 -13.31
N ALA B 109 -0.07 6.80 -13.06
CA ALA B 109 0.84 7.95 -12.98
C ALA B 109 1.27 8.22 -11.55
N CYS B 110 2.53 7.93 -11.24
CA CYS B 110 3.05 8.10 -9.88
C CYS B 110 3.68 9.46 -9.68
N GLY B 111 3.17 10.22 -8.72
CA GLY B 111 3.73 11.52 -8.45
C GLY B 111 4.03 11.67 -6.97
N ARG B 112 4.75 12.72 -6.61
CA ARG B 112 5.05 12.99 -5.21
C ARG B 112 3.79 13.35 -4.42
N TYR B 113 3.90 13.33 -3.10
CA TYR B 113 2.73 13.56 -2.23
C TYR B 113 1.96 14.83 -2.62
N GLU B 114 2.72 15.91 -2.83
CA GLU B 114 2.15 17.22 -3.09
C GLU B 114 1.39 17.24 -4.41
N GLY B 115 1.78 16.35 -5.32
CA GLY B 115 0.94 16.05 -6.47
C GLY B 115 1.35 16.62 -7.80
N ILE B 116 0.47 16.40 -8.76
CA ILE B 116 0.68 16.79 -10.14
C ILE B 116 -0.22 17.98 -10.43
N ASP B 117 0.31 18.95 -11.19
CA ASP B 117 -0.48 20.07 -11.67
C ASP B 117 -1.85 19.56 -12.10
N GLN B 118 -2.89 20.21 -11.62
CA GLN B 118 -4.26 19.65 -11.74
C GLN B 118 -4.71 19.62 -13.19
N ARG B 119 -4.12 20.48 -14.01
CA ARG B 119 -4.53 20.54 -15.40
C ARG B 119 -4.23 19.24 -16.12
N VAL B 120 -3.24 18.49 -15.65
CA VAL B 120 -2.87 17.27 -16.34
C VAL B 120 -4.05 16.31 -16.34
N ALA B 121 -4.60 16.06 -15.15
CA ALA B 121 -5.79 15.21 -15.04
C ALA B 121 -7.01 15.81 -15.73
N ASP B 122 -7.20 17.13 -15.60
CA ASP B 122 -8.37 17.79 -16.18
C ASP B 122 -8.35 17.65 -17.71
N ASP B 123 -7.17 17.86 -18.28
CA ASP B 123 -6.98 17.67 -19.70
C ASP B 123 -7.23 16.24 -20.12
N ALA B 124 -6.60 15.30 -19.42
CA ALA B 124 -6.69 13.89 -19.80
C ALA B 124 -8.12 13.41 -19.74
N ALA B 125 -8.88 13.93 -18.77
CA ALA B 125 -10.27 13.48 -18.55
C ALA B 125 -11.18 13.88 -19.71
N THR B 126 -10.69 14.75 -20.59
CA THR B 126 -11.51 15.13 -21.74
C THR B 126 -11.38 14.10 -22.88
N ARG B 127 -10.46 13.14 -22.77
CA ARG B 127 -10.21 12.15 -23.83
CA ARG B 127 -10.32 12.14 -23.84
C ARG B 127 -10.22 10.70 -23.32
N MET B 128 -10.11 10.53 -22.01
CA MET B 128 -10.06 9.19 -21.41
C MET B 128 -10.67 9.20 -20.01
N ARG B 129 -10.80 8.02 -19.42
CA ARG B 129 -11.30 7.92 -18.04
C ARG B 129 -10.16 8.09 -17.07
N VAL B 130 -10.36 8.97 -16.10
CA VAL B 130 -9.33 9.27 -15.13
C VAL B 130 -9.85 9.01 -13.72
N ARG B 131 -9.08 8.28 -12.92
CA ARG B 131 -9.48 7.98 -11.53
C ARG B 131 -8.39 8.39 -10.54
N GLU B 132 -8.68 9.36 -9.69
CA GLU B 132 -7.75 9.76 -8.64
C GLU B 132 -8.09 8.99 -7.37
N VAL B 133 -7.15 8.21 -6.83
CA VAL B 133 -7.48 7.32 -5.71
C VAL B 133 -6.40 7.30 -4.63
N SER B 134 -6.83 7.17 -3.38
CA SER B 134 -5.92 7.03 -2.25
CA SER B 134 -5.91 7.03 -2.26
C SER B 134 -5.98 5.61 -1.70
N ILE B 135 -4.83 5.04 -1.36
CA ILE B 135 -4.87 3.70 -0.77
C ILE B 135 -4.95 3.75 0.76
N GLY B 136 -4.89 4.94 1.34
CA GLY B 136 -4.94 5.07 2.80
C GLY B 136 -4.59 6.49 3.26
N ASP B 137 -4.91 6.81 4.52
CA ASP B 137 -4.70 8.17 5.02
C ASP B 137 -3.34 8.38 5.69
N TYR B 138 -2.52 7.35 5.80
CA TYR B 138 -1.12 7.53 6.18
C TYR B 138 -0.44 8.28 5.06
N VAL B 139 0.69 8.92 5.34
CA VAL B 139 1.37 9.74 4.36
C VAL B 139 2.58 9.05 3.76
N LEU B 140 2.58 8.94 2.44
CA LEU B 140 3.71 8.42 1.68
C LEU B 140 4.37 9.57 0.95
N ASN B 141 5.67 9.48 0.73
CA ASN B 141 6.33 10.55 0.03
C ASN B 141 5.91 10.63 -1.43
N GLY B 142 5.46 9.50 -1.98
CA GLY B 142 5.15 9.45 -3.40
C GLY B 142 4.23 8.30 -3.71
N GLY B 143 3.67 8.29 -4.92
CA GLY B 143 2.66 7.33 -5.29
C GLY B 143 3.20 5.97 -5.66
N GLU B 144 4.51 5.80 -5.53
CA GLU B 144 5.15 4.57 -5.97
C GLU B 144 4.66 3.34 -5.20
N ALA B 145 4.58 3.45 -3.89
CA ALA B 145 4.13 2.28 -3.12
C ALA B 145 2.64 2.07 -3.31
N ALA B 146 1.89 3.15 -3.54
CA ALA B 146 0.47 3.03 -3.79
C ALA B 146 0.24 2.27 -5.09
N ALA B 147 1.10 2.52 -6.06
CA ALA B 147 1.07 1.80 -7.34
C ALA B 147 1.27 0.31 -7.14
N LEU B 148 2.27 -0.08 -6.35
CA LEU B 148 2.54 -1.49 -6.10
C LEU B 148 1.31 -2.14 -5.47
N VAL B 149 0.68 -1.42 -4.53
CA VAL B 149 -0.50 -1.94 -3.84
C VAL B 149 -1.65 -2.12 -4.83
N ILE B 150 -1.95 -1.07 -5.59
CA ILE B 150 -3.00 -1.11 -6.60
C ILE B 150 -2.77 -2.29 -7.55
N ILE B 151 -1.55 -2.42 -8.04
CA ILE B 151 -1.22 -3.50 -8.95
C ILE B 151 -1.44 -4.88 -8.33
N GLU B 152 -0.99 -5.09 -7.09
CA GLU B 152 -1.21 -6.40 -6.49
C GLU B 152 -2.69 -6.72 -6.20
N ALA B 153 -3.47 -5.72 -5.79
CA ALA B 153 -4.90 -5.92 -5.50
C ALA B 153 -5.66 -6.26 -6.79
N VAL B 154 -5.27 -5.62 -7.89
CA VAL B 154 -5.94 -5.82 -9.17
C VAL B 154 -5.53 -7.14 -9.84
N LEU B 155 -4.24 -7.41 -9.89
CA LEU B 155 -3.75 -8.57 -10.63
C LEU B 155 -4.21 -9.89 -10.00
N ARG B 156 -4.28 -9.94 -8.67
CA ARG B 156 -4.69 -11.19 -8.04
C ARG B 156 -6.15 -11.50 -8.37
N LEU B 157 -6.88 -10.52 -8.91
CA LEU B 157 -8.26 -10.79 -9.36
C LEU B 157 -8.35 -11.19 -10.85
N VAL B 158 -7.23 -11.11 -11.57
CA VAL B 158 -7.20 -11.58 -12.95
C VAL B 158 -7.17 -13.10 -13.01
N PRO B 159 -8.10 -13.71 -13.79
CA PRO B 159 -8.18 -15.17 -13.86
C PRO B 159 -6.85 -15.80 -14.25
N GLY B 160 -6.43 -16.83 -13.53
CA GLY B 160 -5.20 -17.55 -13.86
C GLY B 160 -3.98 -17.21 -13.02
N VAL B 161 -3.93 -15.97 -12.51
CA VAL B 161 -2.78 -15.53 -11.72
C VAL B 161 -2.59 -16.41 -10.48
N LEU B 162 -3.69 -16.72 -9.81
CA LEU B 162 -3.65 -17.64 -8.66
C LEU B 162 -3.50 -19.08 -9.12
N SER B 179 -17.93 -7.54 5.00
CA SER B 179 -18.38 -6.58 6.00
C SER B 179 -17.91 -6.94 7.41
N LEU B 180 -17.38 -8.16 7.56
CA LEU B 180 -16.83 -8.62 8.84
C LEU B 180 -15.39 -9.10 8.66
N LEU B 181 -14.57 -9.00 9.70
CA LEU B 181 -13.18 -9.43 9.65
C LEU B 181 -13.06 -10.95 9.69
N GLU B 182 -12.01 -11.50 9.07
CA GLU B 182 -11.70 -12.90 9.23
C GLU B 182 -11.17 -13.17 10.64
N GLY B 183 -11.64 -14.25 11.26
CA GLY B 183 -11.13 -14.66 12.56
C GLY B 183 -9.84 -15.45 12.47
N PRO B 184 -9.36 -15.96 13.62
CA PRO B 184 -8.09 -16.69 13.65
C PRO B 184 -8.13 -17.96 12.81
N SER B 185 -7.01 -18.24 12.16
CA SER B 185 -6.87 -19.49 11.45
CA SER B 185 -6.84 -19.47 11.42
C SER B 185 -5.79 -20.34 12.10
N TYR B 186 -5.87 -21.64 11.88
CA TYR B 186 -4.93 -22.57 12.49
C TYR B 186 -4.58 -23.67 11.51
N THR B 187 -3.41 -24.25 11.70
CA THR B 187 -3.06 -25.47 11.01
C THR B 187 -2.12 -26.31 11.91
N ARG B 188 -1.49 -27.34 11.35
CA ARG B 188 -0.76 -28.28 12.18
C ARG B 188 0.51 -27.66 12.75
N PRO B 189 0.96 -28.16 13.92
CA PRO B 189 0.42 -29.25 14.74
C PRO B 189 -0.81 -28.85 15.58
N PRO B 190 -1.59 -29.83 16.06
CA PRO B 190 -2.76 -29.50 16.88
C PRO B 190 -2.38 -28.80 18.20
N SER B 191 -1.23 -29.16 18.76
CA SER B 191 -0.76 -28.51 19.98
C SER B 191 0.64 -27.91 19.75
N TRP B 192 0.76 -26.61 19.97
CA TRP B 192 2.03 -25.93 19.71
C TRP B 192 2.40 -24.93 20.81
N ARG B 193 3.56 -25.18 21.43
CA ARG B 193 4.06 -24.35 22.52
C ARG B 193 2.97 -24.05 23.55
N GLY B 194 2.27 -25.10 23.96
CA GLY B 194 1.26 -25.00 25.00
C GLY B 194 -0.08 -24.41 24.56
N MET B 195 -0.29 -24.28 23.24
CA MET B 195 -1.58 -23.77 22.73
C MET B 195 -2.26 -24.73 21.76
N ASP B 196 -3.52 -25.01 22.03
CA ASP B 196 -4.28 -26.00 21.29
C ASP B 196 -5.21 -25.35 20.25
N VAL B 197 -5.23 -25.93 19.06
CA VAL B 197 -6.26 -25.56 18.08
C VAL B 197 -7.62 -25.73 18.76
N PRO B 198 -8.52 -24.75 18.60
CA PRO B 198 -9.87 -24.87 19.19
C PRO B 198 -10.54 -26.19 18.77
N PRO B 199 -10.93 -27.01 19.76
CA PRO B 199 -11.50 -28.32 19.51
C PRO B 199 -12.57 -28.31 18.42
N VAL B 200 -13.37 -27.25 18.37
CA VAL B 200 -14.54 -27.21 17.48
C VAL B 200 -14.11 -27.37 16.02
N LEU B 201 -12.90 -26.93 15.71
CA LEU B 201 -12.37 -27.05 14.35
C LEU B 201 -12.19 -28.53 13.94
N LEU B 202 -11.97 -29.41 14.91
CA LEU B 202 -11.77 -30.83 14.61
C LEU B 202 -13.02 -31.68 14.87
N SER B 203 -14.19 -31.05 14.89
CA SER B 203 -15.42 -31.75 15.30
C SER B 203 -16.11 -32.46 14.16
N GLY B 204 -15.80 -32.07 12.92
CA GLY B 204 -16.54 -32.59 11.79
C GLY B 204 -17.98 -32.09 11.78
N ASP B 205 -18.28 -31.12 12.64
CA ASP B 205 -19.60 -30.47 12.67
C ASP B 205 -19.49 -29.15 11.94
N HIS B 206 -19.72 -29.18 10.62
CA HIS B 206 -19.36 -28.04 9.79
C HIS B 206 -20.39 -26.90 9.86
N ALA B 207 -21.65 -27.19 10.18
CA ALA B 207 -22.59 -26.10 10.46
C ALA B 207 -22.16 -25.32 11.70
N LYS B 208 -21.77 -26.06 12.74
CA LYS B 208 -21.26 -25.50 13.99
C LYS B 208 -19.98 -24.70 13.80
N ILE B 209 -19.08 -25.25 12.99
CA ILE B 209 -17.82 -24.55 12.72
C ILE B 209 -18.13 -23.19 12.08
N ALA B 210 -19.07 -23.17 11.13
CA ALA B 210 -19.41 -21.90 10.47
C ALA B 210 -20.03 -20.88 11.44
N ALA B 211 -20.88 -21.33 12.36
CA ALA B 211 -21.42 -20.40 13.36
C ALA B 211 -20.31 -19.93 14.29
N TRP B 212 -19.38 -20.83 14.63
CA TRP B 212 -18.26 -20.47 15.51
C TRP B 212 -17.37 -19.40 14.86
N ARG B 213 -17.03 -19.60 13.58
CA ARG B 213 -16.25 -18.62 12.85
C ARG B 213 -17.02 -17.30 12.67
N ALA B 214 -18.34 -17.40 12.50
CA ALA B 214 -19.19 -16.20 12.48
C ALA B 214 -18.99 -15.39 13.77
N GLU B 215 -18.98 -16.07 14.91
CA GLU B 215 -18.88 -15.37 16.20
C GLU B 215 -17.48 -14.80 16.41
N GLN B 216 -16.46 -15.52 15.97
CA GLN B 216 -15.07 -15.02 16.01
C GLN B 216 -14.93 -13.73 15.23
N SER B 217 -15.54 -13.71 14.05
CA SER B 217 -15.52 -12.54 13.19
C SER B 217 -16.21 -11.35 13.84
N ARG B 218 -17.38 -11.59 14.44
CA ARG B 218 -18.15 -10.55 15.10
C ARG B 218 -17.31 -9.87 16.16
N GLN B 219 -16.73 -10.66 17.05
CA GLN B 219 -15.96 -10.09 18.17
C GLN B 219 -14.70 -9.37 17.70
N ARG B 220 -13.93 -10.01 16.82
CA ARG B 220 -12.71 -9.37 16.35
C ARG B 220 -13.05 -8.05 15.64
N THR B 221 -14.15 -8.05 14.91
CA THR B 221 -14.58 -6.84 14.21
C THR B 221 -14.98 -5.75 15.20
N ILE B 222 -15.74 -6.13 16.23
CA ILE B 222 -16.08 -5.21 17.32
C ILE B 222 -14.81 -4.62 17.93
N GLU B 223 -13.83 -5.48 18.19
CA GLU B 223 -12.60 -5.07 18.84
C GLU B 223 -11.66 -4.28 17.92
N ARG B 224 -11.54 -4.66 16.65
CA ARG B 224 -10.49 -4.06 15.84
C ARG B 224 -11.00 -3.05 14.84
N ARG B 225 -12.24 -3.20 14.41
CA ARG B 225 -12.72 -2.38 13.31
C ARG B 225 -14.17 -2.03 13.51
N PRO B 226 -14.47 -1.29 14.60
CA PRO B 226 -15.87 -1.04 14.92
C PRO B 226 -16.54 -0.21 13.82
N ASP B 227 -15.72 0.37 12.94
CA ASP B 227 -16.22 1.20 11.85
C ASP B 227 -17.04 0.40 10.82
N LEU B 228 -16.84 -0.91 10.77
CA LEU B 228 -17.56 -1.75 9.81
C LEU B 228 -18.90 -2.27 10.36
N LEU B 229 -19.41 -1.63 11.41
CA LEU B 229 -20.65 -2.08 12.03
C LEU B 229 -21.77 -1.03 11.94
N GLY B 230 -21.39 0.23 11.83
CA GLY B 230 -22.33 1.30 11.56
C GLY B 230 -23.06 1.88 12.76
#